data_4KXN
#
_entry.id   4KXN
#
_cell.length_a   32.238
_cell.length_b   95.449
_cell.length_c   79.288
_cell.angle_alpha   90.000
_cell.angle_beta   101.560
_cell.angle_gamma   90.000
#
_symmetry.space_group_name_H-M   'P 1 21 1'
#
loop_
_entity.id
_entity.type
_entity.pdbx_description
1 polymer "2'-deoxynucleoside 5'-phosphate N-hydrolase 1"
2 non-polymer "N-(furan-2-ylmethyl)adenosine 5'-(dihydrogen phosphate)"
3 water water
#
_entity_poly.entity_id   1
_entity_poly.type   'polypeptide(L)'
_entity_poly.pdbx_seq_one_letter_code
;MRRSVYFCGSIRGGREDQALYARIVSRLRRYGKVLTEHVADAELEPLGEEAAGGDQFIHEQNLNWLQQADVVVAEVTQPS
LGVGYELGRAVALGKPILCLFRPQSGRVLSAMIRGAADGSRFQVWDYAEGEVETMLDRYFEAYLVEHHHHHH
;
_entity_poly.pdbx_strand_id   A,B,C,D
#
loop_
_chem_comp.id
_chem_comp.type
_chem_comp.name
_chem_comp.formula
6K6 non-polymer 'N-(furan-2-ylmethyl)adenosine 5'-(dihydrogen phosphate)' 'C15 H18 N5 O8 P'
#
# COMPACT_ATOMS: atom_id res chain seq x y z
N ARG A 3 -10.18 -24.81 -18.94
CA ARG A 3 -10.79 -24.38 -17.67
C ARG A 3 -9.73 -23.84 -16.69
N SER A 4 -10.07 -22.77 -15.98
CA SER A 4 -9.17 -22.15 -15.00
C SER A 4 -9.64 -22.41 -13.58
N VAL A 5 -8.69 -22.75 -12.71
CA VAL A 5 -9.00 -23.16 -11.34
C VAL A 5 -8.12 -22.38 -10.37
N TYR A 6 -8.76 -21.71 -9.43
CA TYR A 6 -8.06 -21.00 -8.37
C TYR A 6 -8.07 -21.88 -7.11
N PHE A 7 -6.89 -22.24 -6.61
CA PHE A 7 -6.80 -23.00 -5.35
C PHE A 7 -6.29 -22.20 -4.16
N CYS A 8 -7.02 -22.29 -3.05
CA CYS A 8 -6.69 -21.60 -1.82
C CYS A 8 -6.19 -22.57 -0.76
N GLY A 9 -5.05 -22.24 -0.17
CA GLY A 9 -4.46 -23.03 0.92
C GLY A 9 -3.54 -22.15 1.73
N SER A 10 -3.48 -22.38 3.04
CA SER A 10 -2.71 -21.51 3.94
C SER A 10 -1.22 -21.40 3.62
N ILE A 11 -0.70 -20.19 3.67
CA ILE A 11 0.73 -19.94 3.49
C ILE A 11 1.31 -19.38 4.79
N ARG A 12 1.10 -18.08 5.03
CA ARG A 12 1.53 -17.46 6.30
C ARG A 12 0.58 -17.76 7.46
N GLY A 13 -0.56 -18.38 7.15
CA GLY A 13 -1.43 -18.94 8.19
C GLY A 13 -0.87 -20.23 8.76
N GLY A 14 0.24 -20.70 8.18
CA GLY A 14 0.91 -21.93 8.59
C GLY A 14 0.96 -22.98 7.48
N ARG A 15 2.09 -23.66 7.35
CA ARG A 15 2.38 -24.60 6.24
C ARG A 15 2.29 -26.07 6.60
N GLU A 16 1.55 -26.42 7.65
CA GLU A 16 1.53 -27.82 8.11
C GLU A 16 0.77 -28.80 7.20
N ASP A 17 -0.04 -28.25 6.29
CA ASP A 17 -0.78 -29.03 5.31
C ASP A 17 -0.19 -28.99 3.88
N GLN A 18 1.08 -28.64 3.80
CA GLN A 18 1.78 -28.41 2.53
C GLN A 18 1.72 -29.61 1.59
N ALA A 19 2.17 -30.77 2.07
CA ALA A 19 2.16 -32.01 1.28
C ALA A 19 0.79 -32.29 0.67
N LEU A 20 -0.24 -32.13 1.49
CA LEU A 20 -1.62 -32.31 1.07
C LEU A 20 -2.04 -31.31 -0.02
N TYR A 21 -1.59 -30.05 0.10
CA TYR A 21 -1.82 -29.02 -0.94
C TYR A 21 -1.21 -29.43 -2.27
N ALA A 22 -0.04 -30.05 -2.21
CA ALA A 22 0.62 -30.60 -3.41
C ALA A 22 -0.21 -31.70 -4.07
N ARG A 23 -0.77 -32.61 -3.26
CA ARG A 23 -1.69 -33.64 -3.74
C ARG A 23 -2.94 -33.04 -4.37
N ILE A 24 -3.50 -32.01 -3.73
CA ILE A 24 -4.70 -31.35 -4.23
C ILE A 24 -4.46 -30.69 -5.58
N VAL A 25 -3.39 -29.90 -5.66
CA VAL A 25 -3.04 -29.18 -6.88
C VAL A 25 -2.79 -30.14 -8.03
N SER A 26 -2.04 -31.22 -7.77
CA SER A 26 -1.77 -32.27 -8.76
C SER A 26 -3.05 -32.88 -9.32
N ARG A 27 -4.00 -33.16 -8.44
CA ARG A 27 -5.28 -33.71 -8.83
C ARG A 27 -6.13 -32.66 -9.58
N LEU A 28 -6.14 -31.43 -9.07
CA LEU A 28 -6.88 -30.32 -9.69
C LEU A 28 -6.46 -30.06 -11.13
N ARG A 29 -5.17 -30.24 -11.41
CA ARG A 29 -4.62 -30.13 -12.76
C ARG A 29 -5.39 -30.95 -13.82
N ARG A 30 -5.88 -32.12 -13.43
CA ARG A 30 -6.64 -32.99 -14.34
C ARG A 30 -7.92 -32.35 -14.89
N TYR A 31 -8.38 -31.28 -14.25
CA TYR A 31 -9.68 -30.70 -14.54
C TYR A 31 -9.63 -29.25 -15.04
N GLY A 32 -8.44 -28.65 -14.96
CA GLY A 32 -8.20 -27.29 -15.44
C GLY A 32 -6.80 -26.85 -15.06
N LYS A 33 -6.39 -25.67 -15.51
CA LYS A 33 -5.10 -25.11 -15.10
C LYS A 33 -5.21 -24.43 -13.73
N VAL A 34 -4.34 -24.84 -12.81
CA VAL A 34 -4.33 -24.30 -11.46
C VAL A 34 -3.51 -23.02 -11.44
N LEU A 35 -4.22 -21.89 -11.31
CA LEU A 35 -3.62 -20.56 -11.39
C LEU A 35 -2.65 -20.25 -10.24
N THR A 36 -2.94 -20.83 -9.08
CA THR A 36 -2.21 -20.51 -7.86
C THR A 36 -1.29 -21.64 -7.43
N GLU A 37 -0.40 -22.02 -8.36
CA GLU A 37 0.60 -23.06 -8.18
C GLU A 37 1.45 -22.93 -6.92
N HIS A 38 1.74 -21.68 -6.53
CA HIS A 38 2.64 -21.36 -5.41
C HIS A 38 2.26 -22.00 -4.08
N VAL A 39 0.96 -22.27 -3.89
CA VAL A 39 0.47 -22.83 -2.62
C VAL A 39 1.06 -24.20 -2.31
N ALA A 40 1.23 -25.02 -3.33
CA ALA A 40 1.82 -26.35 -3.15
C ALA A 40 3.30 -26.27 -2.75
N ASP A 41 4.02 -25.37 -3.42
CA ASP A 41 5.48 -25.25 -3.27
C ASP A 41 5.90 -24.68 -1.92
N ALA A 52 7.02 -7.24 3.12
CA ALA A 52 8.21 -6.81 2.42
C ALA A 52 8.00 -5.44 1.77
N GLY A 53 6.88 -5.33 1.05
CA GLY A 53 6.57 -4.21 0.17
C GLY A 53 6.03 -4.79 -1.13
N GLY A 54 6.35 -6.06 -1.37
CA GLY A 54 5.90 -6.75 -2.57
C GLY A 54 4.54 -7.39 -2.44
N ASP A 55 3.92 -7.29 -1.26
CA ASP A 55 2.59 -7.86 -1.03
C ASP A 55 1.52 -7.23 -1.91
N GLN A 56 1.71 -5.94 -2.21
CA GLN A 56 0.89 -5.21 -3.18
C GLN A 56 0.77 -5.93 -4.52
N PHE A 57 1.89 -6.41 -5.02
CA PHE A 57 1.96 -7.12 -6.28
C PHE A 57 1.18 -8.42 -6.22
N ILE A 58 1.37 -9.16 -5.12
CA ILE A 58 0.73 -10.46 -4.92
C ILE A 58 -0.78 -10.31 -4.94
N HIS A 59 -1.30 -9.34 -4.19
CA HIS A 59 -2.76 -9.14 -4.09
C HIS A 59 -3.34 -8.83 -5.46
N GLU A 60 -2.70 -7.92 -6.19
CA GLU A 60 -3.09 -7.60 -7.56
C GLU A 60 -3.05 -8.83 -8.48
N GLN A 61 -1.91 -9.53 -8.52
CA GLN A 61 -1.75 -10.77 -9.28
C GLN A 61 -2.84 -11.82 -8.98
N ASN A 62 -3.10 -12.06 -7.69
CA ASN A 62 -4.08 -13.07 -7.27
C ASN A 62 -5.54 -12.69 -7.53
N LEU A 63 -5.87 -11.41 -7.38
CA LEU A 63 -7.22 -10.95 -7.73
C LEU A 63 -7.46 -11.12 -9.22
N ASN A 64 -6.46 -10.77 -10.03
CA ASN A 64 -6.53 -11.00 -11.47
C ASN A 64 -6.83 -12.46 -11.78
N TRP A 65 -6.14 -13.37 -11.11
CA TRP A 65 -6.37 -14.81 -11.28
C TRP A 65 -7.77 -15.20 -10.85
N LEU A 66 -8.23 -14.62 -9.75
CA LEU A 66 -9.55 -14.89 -9.21
C LEU A 66 -10.67 -14.43 -10.16
N GLN A 67 -10.53 -13.22 -10.74
CA GLN A 67 -11.52 -12.74 -11.73
C GLN A 67 -11.61 -13.66 -12.96
N GLN A 68 -10.46 -14.21 -13.37
CA GLN A 68 -10.36 -15.12 -14.52
C GLN A 68 -10.86 -16.54 -14.24
N ALA A 69 -10.67 -17.01 -13.00
CA ALA A 69 -10.98 -18.41 -12.61
C ALA A 69 -12.41 -18.85 -12.95
N ASP A 70 -12.56 -20.11 -13.33
CA ASP A 70 -13.90 -20.68 -13.58
C ASP A 70 -14.48 -21.27 -12.30
N VAL A 71 -13.59 -21.72 -11.41
CA VAL A 71 -13.97 -22.40 -10.17
C VAL A 71 -12.92 -22.11 -9.10
N VAL A 72 -13.37 -21.96 -7.87
CA VAL A 72 -12.49 -21.72 -6.74
C VAL A 72 -12.56 -22.95 -5.84
N VAL A 73 -11.39 -23.53 -5.55
CA VAL A 73 -11.28 -24.64 -4.58
C VAL A 73 -10.41 -24.19 -3.39
N ALA A 74 -10.84 -24.54 -2.19
CA ALA A 74 -10.10 -24.14 -0.99
C ALA A 74 -10.03 -25.28 -0.01
N GLU A 75 -8.84 -25.54 0.51
CA GLU A 75 -8.70 -26.47 1.63
C GLU A 75 -8.67 -25.56 2.83
N VAL A 76 -9.68 -25.67 3.68
CA VAL A 76 -9.94 -24.71 4.77
C VAL A 76 -9.64 -25.24 6.18
N THR A 77 -8.89 -26.33 6.28
CA THR A 77 -8.58 -26.93 7.58
C THR A 77 -7.64 -26.04 8.42
N GLN A 78 -6.57 -25.53 7.83
CA GLN A 78 -5.67 -24.59 8.49
C GLN A 78 -6.23 -23.16 8.41
N PRO A 79 -6.52 -22.53 9.57
CA PRO A 79 -7.05 -21.16 9.55
C PRO A 79 -6.07 -20.17 8.91
N SER A 80 -6.60 -19.34 8.01
CA SER A 80 -5.80 -18.47 7.19
C SER A 80 -6.55 -17.22 6.76
N LEU A 81 -5.97 -16.07 7.06
CA LEU A 81 -6.51 -14.79 6.56
C LEU A 81 -6.69 -14.79 5.05
N GLY A 82 -5.62 -15.12 4.33
CA GLY A 82 -5.63 -15.04 2.86
C GLY A 82 -6.70 -15.91 2.21
N VAL A 83 -6.80 -17.14 2.67
CA VAL A 83 -7.80 -18.09 2.22
C VAL A 83 -9.22 -17.57 2.44
N GLY A 84 -9.49 -17.06 3.63
CA GLY A 84 -10.81 -16.48 3.91
C GLY A 84 -11.09 -15.29 3.02
N TYR A 85 -10.04 -14.50 2.76
CA TYR A 85 -10.19 -13.31 1.93
C TYR A 85 -10.49 -13.67 0.49
N GLU A 86 -9.73 -14.62 -0.06
CA GLU A 86 -10.00 -15.16 -1.39
C GLU A 86 -11.43 -15.69 -1.51
N LEU A 87 -11.85 -16.50 -0.53
CA LEU A 87 -13.24 -17.01 -0.51
C LEU A 87 -14.26 -15.86 -0.48
N GLY A 88 -13.99 -14.83 0.32
CA GLY A 88 -14.85 -13.65 0.40
C GLY A 88 -15.00 -12.92 -0.93
N ARG A 89 -13.87 -12.68 -1.59
CA ARG A 89 -13.85 -12.03 -2.91
C ARG A 89 -14.59 -12.89 -3.95
N ALA A 90 -14.36 -14.20 -3.88
CA ALA A 90 -14.90 -15.16 -4.85
C ALA A 90 -16.41 -15.23 -4.79
N VAL A 91 -16.98 -15.20 -3.59
CA VAL A 91 -18.44 -15.13 -3.41
C VAL A 91 -18.99 -13.86 -4.06
N ALA A 92 -18.28 -12.75 -3.86
CA ALA A 92 -18.63 -11.46 -4.42
C ALA A 92 -18.40 -11.36 -5.93
N LEU A 93 -17.56 -12.24 -6.47
CA LEU A 93 -17.35 -12.32 -7.92
C LEU A 93 -18.29 -13.35 -8.56
N GLY A 94 -19.08 -14.03 -7.72
CA GLY A 94 -20.10 -14.98 -8.18
C GLY A 94 -19.53 -16.31 -8.62
N LYS A 95 -18.34 -16.62 -8.13
CA LYS A 95 -17.59 -17.81 -8.52
C LYS A 95 -18.18 -19.08 -7.88
N PRO A 96 -18.12 -20.23 -8.59
CA PRO A 96 -18.51 -21.47 -7.93
C PRO A 96 -17.37 -21.93 -7.02
N ILE A 97 -17.71 -22.31 -5.80
CA ILE A 97 -16.73 -22.56 -4.76
C ILE A 97 -16.87 -23.96 -4.13
N LEU A 98 -15.74 -24.64 -3.98
CA LEU A 98 -15.66 -25.87 -3.18
C LEU A 98 -14.65 -25.71 -2.03
N CYS A 99 -15.12 -25.93 -0.80
CA CYS A 99 -14.24 -25.94 0.36
C CYS A 99 -14.08 -27.35 0.90
N LEU A 100 -12.84 -27.71 1.24
CA LEU A 100 -12.50 -29.04 1.76
C LEU A 100 -11.92 -28.93 3.17
N PHE A 101 -12.54 -29.64 4.11
CA PHE A 101 -12.19 -29.55 5.53
C PHE A 101 -12.02 -30.94 6.14
N ARG A 102 -11.05 -31.06 7.04
CA ARG A 102 -10.65 -32.36 7.61
C ARG A 102 -11.01 -32.42 9.10
N PRO A 103 -12.18 -33.00 9.43
CA PRO A 103 -12.60 -33.08 10.84
C PRO A 103 -11.62 -33.83 11.76
N GLN A 104 -10.75 -34.67 11.18
CA GLN A 104 -9.69 -35.39 11.93
C GLN A 104 -8.76 -34.47 12.70
N SER A 105 -8.51 -33.29 12.15
CA SER A 105 -7.52 -32.35 12.67
C SER A 105 -7.84 -31.89 14.08
N GLY A 106 -9.11 -32.00 14.45
CA GLY A 106 -9.58 -31.54 15.74
C GLY A 106 -9.79 -30.04 15.73
N ARG A 107 -10.01 -29.50 14.54
CA ARG A 107 -10.36 -28.10 14.38
C ARG A 107 -11.88 -28.00 14.33
N VAL A 108 -12.41 -26.82 14.64
CA VAL A 108 -13.80 -26.53 14.33
C VAL A 108 -13.76 -25.45 13.24
N LEU A 109 -14.42 -25.72 12.13
CA LEU A 109 -14.40 -24.82 10.99
C LEU A 109 -15.13 -23.53 11.30
N SER A 110 -14.54 -22.41 10.85
CA SER A 110 -15.15 -21.09 10.94
C SER A 110 -16.64 -21.13 10.60
N ALA A 111 -17.47 -20.57 11.47
CA ALA A 111 -18.91 -20.51 11.22
C ALA A 111 -19.22 -19.66 9.98
N MET A 112 -18.31 -18.76 9.66
CA MET A 112 -18.45 -17.88 8.49
C MET A 112 -18.22 -18.63 7.18
N ILE A 113 -17.39 -19.66 7.24
CA ILE A 113 -17.11 -20.50 6.08
C ILE A 113 -18.17 -21.56 5.92
N ARG A 114 -18.45 -22.31 6.98
CA ARG A 114 -19.50 -23.32 6.94
C ARG A 114 -20.86 -22.68 6.66
N GLY A 115 -21.12 -21.54 7.30
CA GLY A 115 -22.41 -20.84 7.13
C GLY A 115 -22.63 -20.17 5.79
N ALA A 116 -21.57 -20.07 4.99
CA ALA A 116 -21.64 -19.50 3.64
C ALA A 116 -22.19 -20.49 2.61
N ALA A 117 -22.21 -21.78 2.97
CA ALA A 117 -22.69 -22.85 2.09
C ALA A 117 -24.06 -22.54 1.46
N ASP A 118 -24.14 -22.69 0.15
CA ASP A 118 -25.27 -22.19 -0.61
C ASP A 118 -25.48 -23.03 -1.85
N GLY A 119 -26.41 -23.99 -1.75
CA GLY A 119 -26.70 -24.92 -2.83
C GLY A 119 -25.44 -25.51 -3.44
N SER A 120 -25.37 -25.46 -4.77
CA SER A 120 -24.21 -25.94 -5.50
C SER A 120 -23.19 -24.82 -5.72
N ARG A 121 -23.58 -23.58 -5.43
CA ARG A 121 -22.71 -22.42 -5.63
C ARG A 121 -21.59 -22.27 -4.60
N PHE A 122 -21.87 -22.58 -3.33
CA PHE A 122 -20.85 -22.62 -2.28
C PHE A 122 -21.00 -23.92 -1.49
N GLN A 123 -20.04 -24.82 -1.63
CA GLN A 123 -20.10 -26.10 -0.91
C GLN A 123 -18.96 -26.30 0.07
N VAL A 124 -19.25 -27.01 1.16
CA VAL A 124 -18.22 -27.40 2.11
C VAL A 124 -18.26 -28.91 2.33
N TRP A 125 -17.17 -29.58 1.97
CA TRP A 125 -17.09 -31.03 2.02
C TRP A 125 -16.15 -31.48 3.14
N ASP A 126 -16.70 -32.23 4.08
CA ASP A 126 -15.90 -32.86 5.13
C ASP A 126 -15.32 -34.15 4.55
N TYR A 127 -14.05 -34.40 4.82
CA TYR A 127 -13.36 -35.55 4.24
C TYR A 127 -12.28 -36.10 5.18
N ALA A 128 -11.94 -37.37 5.00
CA ALA A 128 -10.81 -37.99 5.71
C ALA A 128 -9.60 -37.92 4.79
N GLU A 129 -8.43 -37.56 5.32
CA GLU A 129 -7.24 -37.52 4.48
C GLU A 129 -6.93 -38.94 4.01
N GLY A 130 -6.29 -39.03 2.85
CA GLY A 130 -6.17 -40.28 2.12
C GLY A 130 -7.30 -40.38 1.12
N GLU A 131 -8.33 -39.54 1.32
CA GLU A 131 -9.53 -39.54 0.48
C GLU A 131 -9.67 -38.24 -0.33
N VAL A 132 -8.73 -37.31 -0.18
CA VAL A 132 -8.86 -36.00 -0.81
C VAL A 132 -8.97 -36.06 -2.34
N GLU A 133 -8.16 -36.91 -2.98
CA GLU A 133 -8.15 -37.03 -4.44
C GLU A 133 -9.49 -37.55 -4.96
N THR A 134 -10.05 -38.52 -4.26
CA THR A 134 -11.34 -39.12 -4.61
C THR A 134 -12.46 -38.08 -4.51
N MET A 135 -12.39 -37.26 -3.48
CA MET A 135 -13.39 -36.21 -3.25
C MET A 135 -13.33 -35.17 -4.36
N LEU A 136 -12.12 -34.89 -4.85
CA LEU A 136 -11.95 -33.94 -5.95
C LEU A 136 -12.55 -34.46 -7.24
N ASP A 137 -12.37 -35.77 -7.48
CA ASP A 137 -12.93 -36.45 -8.63
C ASP A 137 -14.46 -36.45 -8.60
N ARG A 138 -15.04 -36.69 -7.42
CA ARG A 138 -16.48 -36.66 -7.22
C ARG A 138 -17.11 -35.29 -7.52
N TYR A 139 -16.45 -34.21 -7.10
CA TYR A 139 -16.96 -32.84 -7.34
C TYR A 139 -16.98 -32.44 -8.81
N PHE A 140 -15.89 -32.74 -9.52
CA PHE A 140 -15.74 -32.27 -10.89
C PHE A 140 -16.60 -33.04 -11.89
N GLU A 141 -16.72 -34.35 -11.64
CA GLU A 141 -17.60 -35.22 -12.44
C GLU A 141 -19.06 -34.79 -12.32
N ALA A 142 -19.42 -34.21 -11.18
CA ALA A 142 -20.79 -33.81 -10.90
C ALA A 142 -21.11 -32.39 -11.37
N TYR A 143 -20.22 -31.45 -11.08
CA TYR A 143 -20.48 -30.02 -11.31
C TYR A 143 -19.55 -29.36 -12.32
N ARG B 3 -22.70 6.67 13.45
CA ARG B 3 -21.75 5.74 12.77
C ARG B 3 -21.89 4.31 13.30
N SER B 4 -21.85 3.34 12.39
CA SER B 4 -21.85 1.93 12.76
C SER B 4 -20.56 1.26 12.34
N VAL B 5 -19.92 0.64 13.32
CA VAL B 5 -18.61 0.01 13.19
C VAL B 5 -18.73 -1.50 13.28
N TYR B 6 -18.26 -2.20 12.24
CA TYR B 6 -18.21 -3.64 12.27
C TYR B 6 -16.81 -4.06 12.71
N PHE B 7 -16.73 -4.89 13.76
CA PHE B 7 -15.44 -5.36 14.25
C PHE B 7 -15.24 -6.86 14.04
N CYS B 8 -14.14 -7.19 13.38
CA CYS B 8 -13.68 -8.55 13.15
C CYS B 8 -12.53 -8.92 14.08
N GLY B 9 -12.63 -10.09 14.70
CA GLY B 9 -11.49 -10.74 15.38
C GLY B 9 -11.58 -12.26 15.34
N SER B 10 -10.43 -12.94 15.49
CA SER B 10 -10.38 -14.41 15.50
C SER B 10 -11.24 -15.07 16.60
N ILE B 11 -12.06 -16.03 16.21
CA ILE B 11 -12.77 -16.86 17.20
C ILE B 11 -12.29 -18.31 17.13
N ARG B 12 -12.68 -19.05 16.08
CA ARG B 12 -12.20 -20.43 15.96
C ARG B 12 -10.74 -20.51 15.49
N GLY B 13 -10.23 -19.39 15.00
CA GLY B 13 -8.82 -19.25 14.68
C GLY B 13 -7.94 -19.20 15.92
N GLY B 14 -8.57 -19.07 17.09
CA GLY B 14 -7.86 -18.92 18.36
C GLY B 14 -8.08 -17.57 19.02
N ARG B 15 -8.07 -17.56 20.34
CA ARG B 15 -8.50 -16.40 21.15
C ARG B 15 -7.37 -15.80 21.98
N GLU B 16 -6.13 -16.02 21.54
CA GLU B 16 -4.93 -15.52 22.21
C GLU B 16 -4.88 -14.00 22.41
N ASP B 17 -5.54 -13.27 21.52
CA ASP B 17 -5.53 -11.83 21.54
C ASP B 17 -6.87 -11.24 22.01
N GLN B 18 -7.68 -12.04 22.70
CA GLN B 18 -9.04 -11.60 23.02
C GLN B 18 -9.14 -10.42 24.00
N ALA B 19 -8.17 -10.26 24.89
CA ALA B 19 -8.14 -9.06 25.75
C ALA B 19 -7.91 -7.84 24.87
N LEU B 20 -7.07 -7.98 23.85
CA LEU B 20 -6.79 -6.93 22.89
C LEU B 20 -8.06 -6.55 22.13
N TYR B 21 -8.88 -7.55 21.84
CA TYR B 21 -10.15 -7.34 21.13
C TYR B 21 -11.15 -6.57 21.99
N ALA B 22 -11.18 -6.84 23.29
CA ALA B 22 -12.06 -6.08 24.20
C ALA B 22 -11.62 -4.62 24.34
N ARG B 23 -10.31 -4.39 24.35
CA ARG B 23 -9.79 -3.02 24.36
C ARG B 23 -10.08 -2.22 23.08
N ILE B 24 -9.99 -2.90 21.94
CA ILE B 24 -10.36 -2.32 20.64
C ILE B 24 -11.87 -2.02 20.60
N VAL B 25 -12.69 -2.99 21.01
CA VAL B 25 -14.15 -2.82 20.99
C VAL B 25 -14.62 -1.67 21.90
N SER B 26 -14.04 -1.58 23.11
CA SER B 26 -14.35 -0.49 24.05
C SER B 26 -14.08 0.91 23.46
N ARG B 27 -13.01 1.02 22.68
CA ARG B 27 -12.59 2.29 22.10
C ARG B 27 -13.36 2.64 20.82
N LEU B 28 -13.67 1.63 20.02
CA LEU B 28 -14.55 1.80 18.87
C LEU B 28 -15.89 2.39 19.30
N ARG B 29 -16.28 2.12 20.55
CA ARG B 29 -17.49 2.66 21.15
C ARG B 29 -17.44 4.17 21.40
N ARG B 30 -16.24 4.78 21.29
CA ARG B 30 -16.13 6.24 21.34
C ARG B 30 -16.48 6.86 19.98
N TYR B 31 -16.45 6.03 18.93
CA TYR B 31 -16.65 6.52 17.56
C TYR B 31 -17.89 6.00 16.82
N GLY B 32 -18.55 4.99 17.38
CA GLY B 32 -19.78 4.48 16.78
C GLY B 32 -20.39 3.27 17.48
N LYS B 33 -21.59 2.88 17.05
CA LYS B 33 -22.19 1.62 17.47
C LYS B 33 -21.37 0.46 16.92
N VAL B 34 -20.94 -0.43 17.81
CA VAL B 34 -20.19 -1.62 17.46
C VAL B 34 -21.14 -2.80 17.25
N LEU B 35 -21.28 -3.21 15.99
CA LEU B 35 -22.28 -4.19 15.60
C LEU B 35 -22.06 -5.61 16.14
N THR B 36 -20.81 -5.99 16.37
CA THR B 36 -20.49 -7.39 16.67
C THR B 36 -19.84 -7.59 18.03
N GLY B 54 -26.25 -23.43 14.04
CA GLY B 54 -26.82 -22.54 13.03
C GLY B 54 -25.76 -21.61 12.45
N ASP B 55 -24.75 -22.21 11.83
CA ASP B 55 -23.71 -21.45 11.13
C ASP B 55 -24.32 -20.59 10.02
N GLN B 56 -25.35 -21.14 9.38
CA GLN B 56 -26.13 -20.45 8.36
C GLN B 56 -26.68 -19.11 8.85
N PHE B 57 -27.32 -19.13 10.01
CA PHE B 57 -27.84 -17.92 10.63
C PHE B 57 -26.72 -16.96 11.05
N ILE B 58 -25.60 -17.50 11.53
CA ILE B 58 -24.47 -16.66 11.94
C ILE B 58 -23.88 -15.89 10.75
N HIS B 59 -23.69 -16.59 9.64
CA HIS B 59 -23.23 -15.96 8.41
C HIS B 59 -24.23 -14.88 7.94
N GLU B 60 -25.52 -15.22 7.92
CA GLU B 60 -26.56 -14.27 7.50
C GLU B 60 -26.60 -13.01 8.37
N GLN B 61 -26.57 -13.21 9.68
CA GLN B 61 -26.65 -12.09 10.62
C GLN B 61 -25.48 -11.11 10.44
N ASN B 62 -24.25 -11.65 10.42
CA ASN B 62 -23.04 -10.86 10.24
C ASN B 62 -22.92 -10.16 8.88
N LEU B 63 -23.43 -10.80 7.83
CA LEU B 63 -23.43 -10.21 6.49
C LEU B 63 -24.38 -9.02 6.46
N ASN B 64 -25.56 -9.20 7.03
CA ASN B 64 -26.51 -8.09 7.20
C ASN B 64 -25.90 -6.90 7.94
N TRP B 65 -25.05 -7.18 8.92
CA TRP B 65 -24.33 -6.13 9.68
C TRP B 65 -23.20 -5.52 8.85
N LEU B 66 -22.42 -6.37 8.18
CA LEU B 66 -21.35 -5.90 7.30
C LEU B 66 -21.91 -4.97 6.21
N GLN B 67 -23.02 -5.38 5.60
CA GLN B 67 -23.65 -4.58 4.54
C GLN B 67 -24.13 -3.20 5.03
N GLN B 68 -24.47 -3.10 6.32
CA GLN B 68 -24.99 -1.85 6.90
C GLN B 68 -23.90 -0.99 7.54
N ALA B 69 -22.74 -1.59 7.80
CA ALA B 69 -21.63 -0.90 8.47
C ALA B 69 -21.10 0.31 7.70
N ASP B 70 -20.67 1.33 8.45
CA ASP B 70 -20.04 2.50 7.86
C ASP B 70 -18.51 2.32 7.79
N VAL B 71 -17.96 1.58 8.75
CA VAL B 71 -16.55 1.23 8.75
C VAL B 71 -16.34 -0.18 9.32
N VAL B 72 -15.36 -0.89 8.77
CA VAL B 72 -15.02 -2.23 9.20
C VAL B 72 -13.62 -2.14 9.79
N VAL B 73 -13.47 -2.63 11.02
CA VAL B 73 -12.16 -2.70 11.67
C VAL B 73 -11.80 -4.16 11.98
N ALA B 74 -10.60 -4.58 11.62
CA ALA B 74 -10.21 -5.96 11.87
C ALA B 74 -8.86 -6.06 12.53
N GLU B 75 -8.75 -6.89 13.56
CA GLU B 75 -7.47 -7.19 14.19
C GLU B 75 -7.00 -8.46 13.51
N VAL B 76 -5.90 -8.36 12.77
CA VAL B 76 -5.51 -9.43 11.85
C VAL B 76 -4.21 -10.13 12.24
N THR B 77 -3.86 -10.08 13.52
CA THR B 77 -2.63 -10.75 13.98
C THR B 77 -2.79 -12.28 13.98
N GLN B 78 -3.84 -12.75 14.64
CA GLN B 78 -4.17 -14.17 14.71
C GLN B 78 -4.88 -14.58 13.43
N PRO B 79 -4.26 -15.48 12.64
CA PRO B 79 -4.92 -15.91 11.39
C PRO B 79 -6.27 -16.58 11.63
N SER B 80 -7.22 -16.24 10.76
CA SER B 80 -8.59 -16.64 10.93
C SER B 80 -9.32 -16.55 9.60
N LEU B 81 -10.01 -17.64 9.24
CA LEU B 81 -10.84 -17.72 8.04
C LEU B 81 -11.95 -16.67 8.04
N GLY B 82 -12.61 -16.55 9.18
CA GLY B 82 -13.79 -15.69 9.27
C GLY B 82 -13.44 -14.22 9.11
N VAL B 83 -12.33 -13.83 9.74
CA VAL B 83 -11.82 -12.48 9.60
C VAL B 83 -11.41 -12.14 8.16
N GLY B 84 -10.73 -13.08 7.51
CA GLY B 84 -10.39 -12.91 6.09
C GLY B 84 -11.64 -12.83 5.24
N TYR B 85 -12.56 -13.75 5.49
CA TYR B 85 -13.86 -13.79 4.82
C TYR B 85 -14.68 -12.50 4.97
N GLU B 86 -14.70 -11.92 6.16
CA GLU B 86 -15.42 -10.66 6.38
C GLU B 86 -14.75 -9.50 5.64
N LEU B 87 -13.41 -9.44 5.68
CA LEU B 87 -12.64 -8.45 4.93
C LEU B 87 -12.88 -8.54 3.41
N GLY B 88 -12.79 -9.74 2.84
CA GLY B 88 -13.17 -9.99 1.42
C GLY B 88 -14.55 -9.50 0.99
N ARG B 89 -15.57 -9.76 1.82
CA ARG B 89 -16.94 -9.34 1.50
C ARG B 89 -17.09 -7.83 1.66
N ALA B 90 -16.41 -7.29 2.66
CA ALA B 90 -16.43 -5.85 2.94
C ALA B 90 -15.75 -5.04 1.85
N VAL B 91 -14.60 -5.51 1.35
CA VAL B 91 -13.89 -4.82 0.25
C VAL B 91 -14.76 -4.73 -1.02
N ALA B 92 -15.33 -5.86 -1.43
CA ALA B 92 -16.22 -5.88 -2.59
C ALA B 92 -17.45 -5.00 -2.40
N LEU B 93 -17.81 -4.75 -1.13
CA LEU B 93 -18.92 -3.82 -0.82
C LEU B 93 -18.50 -2.34 -0.86
N GLY B 94 -17.19 -2.08 -0.85
CA GLY B 94 -16.68 -0.71 -0.86
C GLY B 94 -16.53 -0.07 0.51
N LYS B 95 -16.73 -0.86 1.58
CA LYS B 95 -16.68 -0.31 2.95
C LYS B 95 -15.26 0.05 3.33
N PRO B 96 -15.06 1.23 3.95
CA PRO B 96 -13.70 1.56 4.40
C PRO B 96 -13.26 0.61 5.52
N ILE B 97 -12.02 0.15 5.42
CA ILE B 97 -11.49 -0.90 6.29
C ILE B 97 -10.21 -0.44 7.01
N LEU B 98 -10.09 -0.79 8.28
CA LEU B 98 -8.84 -0.64 9.04
C LEU B 98 -8.47 -1.99 9.64
N CYS B 99 -7.28 -2.47 9.26
CA CYS B 99 -6.73 -3.68 9.84
C CYS B 99 -5.60 -3.30 10.80
N LEU B 100 -5.59 -3.93 11.96
CA LEU B 100 -4.56 -3.64 12.94
C LEU B 100 -3.75 -4.91 13.14
N PHE B 101 -2.46 -4.81 12.85
CA PHE B 101 -1.52 -5.92 12.98
C PHE B 101 -0.47 -5.64 14.06
N ARG B 102 -0.12 -6.68 14.83
CA ARG B 102 0.90 -6.58 15.90
C ARG B 102 2.16 -7.40 15.53
N PRO B 103 3.20 -6.73 14.97
CA PRO B 103 4.45 -7.41 14.56
C PRO B 103 5.21 -8.04 15.74
N GLN B 104 4.89 -7.60 16.95
CA GLN B 104 5.47 -8.10 18.20
C GLN B 104 5.19 -9.57 18.41
N SER B 105 4.08 -10.05 17.84
CA SER B 105 3.70 -11.47 17.85
C SER B 105 4.77 -12.38 17.25
N GLY B 106 5.53 -11.83 16.30
CA GLY B 106 6.55 -12.60 15.60
C GLY B 106 6.03 -13.16 14.29
N ARG B 107 4.74 -12.94 14.04
CA ARG B 107 3.98 -13.38 12.87
C ARG B 107 4.32 -12.49 11.67
N VAL B 108 4.11 -13.02 10.45
CA VAL B 108 4.20 -12.23 9.21
C VAL B 108 2.80 -12.17 8.62
N LEU B 109 2.30 -10.95 8.41
CA LEU B 109 0.91 -10.74 7.96
C LEU B 109 0.68 -11.24 6.54
N SER B 110 -0.40 -12.01 6.39
CA SER B 110 -0.90 -12.42 5.08
C SER B 110 -0.67 -11.39 3.99
N ALA B 111 -0.01 -11.81 2.91
CA ALA B 111 0.16 -10.98 1.72
C ALA B 111 -1.17 -10.44 1.15
N MET B 112 -2.22 -11.26 1.18
CA MET B 112 -3.54 -10.90 0.63
C MET B 112 -4.20 -9.78 1.42
N ILE B 113 -3.88 -9.74 2.70
CA ILE B 113 -4.34 -8.66 3.55
C ILE B 113 -3.44 -7.44 3.45
N ARG B 114 -2.17 -7.56 3.78
CA ARG B 114 -1.34 -6.35 3.67
C ARG B 114 -1.32 -5.78 2.24
N GLY B 115 -1.45 -6.65 1.25
CA GLY B 115 -1.42 -6.22 -0.17
C GLY B 115 -2.73 -5.62 -0.66
N ALA B 116 -3.81 -5.84 0.11
CA ALA B 116 -5.10 -5.22 -0.21
C ALA B 116 -5.15 -3.72 0.07
N ALA B 117 -4.15 -3.21 0.79
CA ALA B 117 -4.06 -1.80 1.15
C ALA B 117 -4.13 -0.87 -0.08
N ASP B 118 -5.00 0.14 0.03
CA ASP B 118 -5.36 0.98 -1.11
C ASP B 118 -6.04 2.28 -0.63
N GLY B 119 -5.23 3.31 -0.45
CA GLY B 119 -5.68 4.64 -0.05
C GLY B 119 -6.55 4.62 1.19
N SER B 120 -7.62 5.41 1.17
CA SER B 120 -8.57 5.48 2.28
C SER B 120 -9.46 4.25 2.42
N ARG B 121 -9.57 3.49 1.33
CA ARG B 121 -10.45 2.32 1.25
C ARG B 121 -10.03 1.19 2.17
N PHE B 122 -8.74 0.90 2.15
CA PHE B 122 -8.19 -0.24 2.88
C PHE B 122 -6.82 0.13 3.43
N GLN B 123 -6.74 0.24 4.74
CA GLN B 123 -5.50 0.58 5.42
C GLN B 123 -5.12 -0.55 6.35
N VAL B 124 -3.83 -0.87 6.37
CA VAL B 124 -3.29 -1.83 7.34
C VAL B 124 -2.22 -1.11 8.18
N TRP B 125 -2.53 -0.90 9.46
CA TRP B 125 -1.61 -0.30 10.42
C TRP B 125 -0.96 -1.34 11.35
N ASP B 126 0.37 -1.31 11.43
CA ASP B 126 1.11 -2.03 12.48
C ASP B 126 0.98 -1.28 13.80
N TYR B 127 0.82 -2.01 14.91
CA TYR B 127 0.71 -1.36 16.21
C TYR B 127 1.50 -2.07 17.30
N ALA B 128 1.92 -1.29 18.28
CA ALA B 128 2.41 -1.79 19.56
C ALA B 128 1.21 -1.82 20.50
N GLU B 129 1.06 -2.88 21.30
CA GLU B 129 -0.20 -3.08 22.03
C GLU B 129 -0.56 -1.99 23.05
N GLY B 130 0.45 -1.34 23.63
CA GLY B 130 0.20 -0.26 24.59
C GLY B 130 -0.31 1.01 23.93
N GLU B 131 -0.44 1.00 22.61
CA GLU B 131 -0.82 2.20 21.86
C GLU B 131 -2.08 2.04 20.99
N VAL B 132 -2.73 0.86 21.07
CA VAL B 132 -3.86 0.54 20.18
C VAL B 132 -5.00 1.56 20.28
N GLU B 133 -5.27 2.02 21.51
CA GLU B 133 -6.31 3.03 21.76
C GLU B 133 -6.01 4.38 21.09
N THR B 134 -4.76 4.83 21.19
CA THR B 134 -4.34 6.10 20.58
C THR B 134 -4.27 6.03 19.05
N MET B 135 -3.93 4.85 18.49
CA MET B 135 -3.98 4.62 17.03
C MET B 135 -5.41 4.69 16.47
N LEU B 136 -6.36 4.09 17.19
CA LEU B 136 -7.78 4.15 16.83
C LEU B 136 -8.33 5.59 16.90
N ASP B 137 -7.87 6.34 17.91
CA ASP B 137 -8.15 7.78 18.01
C ASP B 137 -7.64 8.52 16.77
N ARG B 138 -6.40 8.22 16.37
CA ARG B 138 -5.80 8.85 15.19
C ARG B 138 -6.55 8.50 13.90
N TYR B 139 -6.92 7.23 13.75
CA TYR B 139 -7.62 6.76 12.55
C TYR B 139 -8.94 7.49 12.36
N PHE B 140 -9.78 7.49 13.39
CA PHE B 140 -11.10 8.12 13.29
C PHE B 140 -11.01 9.65 13.19
N GLU B 141 -9.95 10.23 13.74
CA GLU B 141 -9.76 11.68 13.73
C GLU B 141 -9.32 12.26 12.38
N ALA B 142 -8.46 11.52 11.67
CA ALA B 142 -7.78 12.06 10.50
C ALA B 142 -7.70 11.12 9.28
N TYR B 143 -7.97 9.83 9.49
CA TYR B 143 -7.76 8.85 8.42
C TYR B 143 -9.05 8.21 7.88
N LEU B 144 -10.19 8.75 8.27
CA LEU B 144 -11.49 8.26 7.83
C LEU B 144 -12.13 9.31 6.92
N VAL B 145 -12.62 8.88 5.76
CA VAL B 145 -13.40 9.76 4.88
C VAL B 145 -14.86 9.67 5.31
N ARG C 3 16.28 -3.73 -22.88
CA ARG C 3 15.49 -3.13 -21.75
C ARG C 3 16.30 -2.07 -21.00
N SER C 4 15.70 -0.91 -20.79
CA SER C 4 16.37 0.20 -20.14
C SER C 4 15.85 0.49 -18.71
N VAL C 5 16.78 0.79 -17.81
CA VAL C 5 16.47 0.97 -16.40
C VAL C 5 16.91 2.37 -15.97
N TYR C 6 15.99 3.15 -15.41
CA TYR C 6 16.33 4.48 -14.87
C TYR C 6 16.55 4.36 -13.37
N PHE C 7 17.77 4.64 -12.92
CA PHE C 7 18.07 4.65 -11.47
C PHE C 7 18.08 6.06 -10.84
N CYS C 8 17.37 6.18 -9.70
CA CYS C 8 17.28 7.41 -8.91
C CYS C 8 17.96 7.28 -7.53
N GLY C 9 18.88 8.18 -7.24
CA GLY C 9 19.48 8.29 -5.91
C GLY C 9 19.91 9.72 -5.65
N SER C 10 19.87 10.12 -4.38
CA SER C 10 20.19 11.47 -3.94
C SER C 10 21.57 11.97 -4.41
N ILE C 11 21.61 13.20 -4.91
CA ILE C 11 22.91 13.82 -5.21
C ILE C 11 23.09 15.06 -4.33
N ARG C 12 22.40 16.15 -4.65
CA ARG C 12 22.43 17.34 -3.80
C ARG C 12 21.73 17.17 -2.46
N GLY C 13 20.88 16.16 -2.35
CA GLY C 13 20.31 15.76 -1.07
C GLY C 13 21.34 15.14 -0.12
N GLY C 14 22.45 14.65 -0.68
CA GLY C 14 23.52 14.04 0.14
C GLY C 14 24.07 12.74 -0.40
N ARG C 15 25.34 12.47 -0.14
CA ARG C 15 26.03 11.29 -0.70
C ARG C 15 26.26 10.18 0.34
N GLU C 16 25.53 10.25 1.46
CA GLU C 16 25.67 9.28 2.55
C GLU C 16 25.68 7.83 2.07
N ASP C 17 24.80 7.53 1.10
CA ASP C 17 24.55 6.16 0.64
C ASP C 17 25.17 5.84 -0.73
N GLN C 18 26.20 6.58 -1.13
CA GLN C 18 26.80 6.45 -2.47
C GLN C 18 27.31 5.04 -2.80
N ALA C 19 27.88 4.35 -1.81
CA ALA C 19 28.39 3.00 -2.02
C ALA C 19 27.25 2.03 -2.27
N LEU C 20 26.12 2.27 -1.58
CA LEU C 20 24.90 1.48 -1.73
C LEU C 20 24.33 1.69 -3.14
N TYR C 21 24.43 2.92 -3.64
CA TYR C 21 23.96 3.27 -4.99
C TYR C 21 24.76 2.51 -6.04
N ALA C 22 26.08 2.51 -5.87
CA ALA C 22 27.01 1.84 -6.78
C ALA C 22 26.68 0.34 -6.91
N ARG C 23 26.47 -0.31 -5.77
CA ARG C 23 26.06 -1.70 -5.73
C ARG C 23 24.76 -1.94 -6.51
N ILE C 24 23.75 -1.11 -6.24
CA ILE C 24 22.46 -1.20 -6.93
C ILE C 24 22.62 -1.09 -8.44
N VAL C 25 23.29 -0.03 -8.90
CA VAL C 25 23.59 0.18 -10.33
C VAL C 25 24.32 -1.02 -10.98
N SER C 26 25.34 -1.56 -10.31
CA SER C 26 26.07 -2.71 -10.87
C SER C 26 25.19 -3.94 -11.04
N ARG C 27 24.28 -4.15 -10.09
CA ARG C 27 23.34 -5.27 -10.18
C ARG C 27 22.23 -5.03 -11.22
N LEU C 28 21.92 -3.77 -11.47
CA LEU C 28 20.93 -3.40 -12.48
C LEU C 28 21.40 -3.69 -13.91
N ARG C 29 22.72 -3.65 -14.12
CA ARG C 29 23.33 -3.97 -15.42
C ARG C 29 23.06 -5.40 -15.91
N ARG C 30 22.78 -6.31 -14.97
CA ARG C 30 22.40 -7.67 -15.33
C ARG C 30 20.96 -7.72 -15.88
N TYR C 31 20.16 -6.70 -15.54
CA TYR C 31 18.74 -6.67 -15.92
C TYR C 31 18.38 -5.69 -17.04
N GLY C 32 19.30 -4.79 -17.36
CA GLY C 32 19.10 -3.87 -18.47
C GLY C 32 20.21 -2.86 -18.58
N LYS C 33 20.04 -1.91 -19.50
CA LYS C 33 21.01 -0.84 -19.61
C LYS C 33 20.61 0.30 -18.68
N VAL C 34 21.55 0.69 -17.82
CA VAL C 34 21.31 1.70 -16.80
C VAL C 34 21.54 3.09 -17.40
N LEU C 35 20.45 3.82 -17.61
CA LEU C 35 20.46 5.11 -18.29
C LEU C 35 21.25 6.20 -17.57
N THR C 36 21.19 6.19 -16.24
CA THR C 36 21.67 7.29 -15.42
C THR C 36 23.04 7.03 -14.80
N GLY C 54 23.79 23.21 -18.40
CA GLY C 54 23.58 23.50 -16.98
C GLY C 54 22.45 22.68 -16.40
N ASP C 55 21.70 23.28 -15.48
CA ASP C 55 20.58 22.62 -14.80
C ASP C 55 19.43 22.29 -15.75
N GLN C 56 19.21 23.18 -16.71
CA GLN C 56 18.23 22.97 -17.76
C GLN C 56 18.56 21.72 -18.58
N PHE C 57 19.81 21.63 -19.03
CA PHE C 57 20.28 20.48 -19.78
C PHE C 57 20.10 19.18 -19.00
N ILE C 58 20.53 19.19 -17.74
CA ILE C 58 20.45 18.01 -16.88
C ILE C 58 19.01 17.52 -16.75
N HIS C 59 18.09 18.46 -16.52
CA HIS C 59 16.66 18.14 -16.43
C HIS C 59 16.15 17.56 -17.76
N GLU C 60 16.40 18.26 -18.86
CA GLU C 60 15.97 17.84 -20.19
C GLU C 60 16.56 16.47 -20.56
N GLN C 61 17.84 16.29 -20.24
CA GLN C 61 18.55 15.02 -20.42
C GLN C 61 17.89 13.88 -19.66
N ASN C 62 17.65 14.09 -18.36
CA ASN C 62 17.09 13.07 -17.47
C ASN C 62 15.64 12.73 -17.75
N LEU C 63 14.87 13.73 -18.18
CA LEU C 63 13.49 13.54 -18.62
C LEU C 63 13.44 12.64 -19.84
N ASN C 64 14.25 12.97 -20.86
CA ASN C 64 14.39 12.16 -22.07
C ASN C 64 14.55 10.68 -21.74
N TRP C 65 15.47 10.40 -20.82
CA TRP C 65 15.76 9.04 -20.36
C TRP C 65 14.61 8.43 -19.60
N LEU C 66 13.95 9.23 -18.75
CA LEU C 66 12.83 8.75 -17.95
C LEU C 66 11.67 8.28 -18.83
N GLN C 67 11.35 9.08 -19.84
CA GLN C 67 10.27 8.79 -20.78
C GLN C 67 10.56 7.51 -21.56
N GLN C 68 11.84 7.23 -21.79
CA GLN C 68 12.30 6.06 -22.56
C GLN C 68 12.52 4.82 -21.68
N ALA C 69 12.48 5.00 -20.36
CA ALA C 69 12.77 3.91 -19.43
C ALA C 69 11.70 2.83 -19.42
N ASP C 70 12.13 1.57 -19.34
CA ASP C 70 11.22 0.44 -19.16
C ASP C 70 10.84 0.27 -17.69
N VAL C 71 11.78 0.63 -16.81
CA VAL C 71 11.57 0.50 -15.37
C VAL C 71 12.38 1.54 -14.61
N VAL C 72 11.78 2.07 -13.56
CA VAL C 72 12.43 3.04 -12.73
C VAL C 72 12.71 2.41 -11.35
N VAL C 73 13.98 2.40 -10.97
CA VAL C 73 14.38 1.98 -9.62
C VAL C 73 14.91 3.19 -8.86
N ALA C 74 14.46 3.39 -7.62
CA ALA C 74 14.91 4.50 -6.78
C ALA C 74 15.40 4.03 -5.41
N GLU C 75 16.57 4.50 -4.98
CA GLU C 75 16.96 4.35 -3.57
C GLU C 75 16.46 5.59 -2.84
N VAL C 76 15.49 5.37 -1.97
CA VAL C 76 14.76 6.45 -1.33
C VAL C 76 15.05 6.67 0.17
N THR C 77 16.24 6.29 0.65
CA THR C 77 16.56 6.50 2.07
C THR C 77 17.01 7.93 2.39
N GLN C 78 17.89 8.46 1.55
CA GLN C 78 18.34 9.84 1.68
C GLN C 78 17.34 10.77 0.99
N PRO C 79 16.69 11.67 1.77
CA PRO C 79 15.67 12.53 1.13
C PRO C 79 16.29 13.45 0.10
N SER C 80 15.57 13.65 -1.00
CA SER C 80 16.08 14.34 -2.19
C SER C 80 14.93 14.87 -3.05
N LEU C 81 14.98 16.15 -3.39
CA LEU C 81 13.99 16.79 -4.27
C LEU C 81 13.98 16.16 -5.66
N GLY C 82 15.18 15.92 -6.20
CA GLY C 82 15.34 15.34 -7.52
C GLY C 82 14.80 13.93 -7.68
N VAL C 83 15.05 13.09 -6.67
CA VAL C 83 14.51 11.74 -6.65
C VAL C 83 12.97 11.75 -6.55
N GLY C 84 12.46 12.51 -5.60
CA GLY C 84 11.02 12.70 -5.48
C GLY C 84 10.43 13.11 -6.82
N TYR C 85 10.98 14.17 -7.41
CA TYR C 85 10.54 14.72 -8.71
C TYR C 85 10.55 13.69 -9.87
N GLU C 86 11.64 12.94 -9.97
CA GLU C 86 11.75 11.87 -10.96
C GLU C 86 10.66 10.82 -10.78
N LEU C 87 10.43 10.43 -9.52
CA LEU C 87 9.36 9.50 -9.19
C LEU C 87 7.99 10.05 -9.57
N GLY C 88 7.79 11.35 -9.32
CA GLY C 88 6.54 12.03 -9.66
C GLY C 88 6.26 12.08 -11.15
N ARG C 89 7.27 12.46 -11.92
CA ARG C 89 7.15 12.42 -13.38
C ARG C 89 6.97 10.98 -13.87
N ALA C 90 7.74 10.05 -13.29
CA ALA C 90 7.68 8.63 -13.65
C ALA C 90 6.27 8.05 -13.43
N VAL C 91 5.69 8.35 -12.27
CA VAL C 91 4.32 7.95 -11.93
C VAL C 91 3.33 8.38 -13.01
N ALA C 92 3.36 9.67 -13.38
CA ALA C 92 2.42 10.21 -14.37
C ALA C 92 2.58 9.56 -15.74
N LEU C 93 3.81 9.14 -16.05
CA LEU C 93 4.10 8.49 -17.33
C LEU C 93 3.69 7.01 -17.31
N GLY C 94 3.42 6.50 -16.11
CA GLY C 94 2.99 5.12 -15.94
C GLY C 94 4.10 4.08 -15.84
N LYS C 95 5.33 4.54 -15.65
CA LYS C 95 6.49 3.64 -15.59
C LYS C 95 6.46 2.76 -14.35
N PRO C 96 6.71 1.43 -14.52
CA PRO C 96 6.80 0.61 -13.30
C PRO C 96 7.93 1.10 -12.41
N ILE C 97 7.65 1.21 -11.11
CA ILE C 97 8.57 1.82 -10.15
C ILE C 97 8.87 0.86 -9.00
N LEU C 98 10.15 0.79 -8.61
CA LEU C 98 10.59 0.17 -7.36
C LEU C 98 11.41 1.17 -6.54
N CYS C 99 11.00 1.41 -5.30
CA CYS C 99 11.79 2.20 -4.37
C CYS C 99 12.36 1.26 -3.28
N LEU C 100 13.65 1.45 -2.97
CA LEU C 100 14.31 0.65 -1.94
C LEU C 100 14.60 1.54 -0.72
N PHE C 101 14.07 1.15 0.45
CA PHE C 101 14.22 1.96 1.67
C PHE C 101 14.83 1.17 2.82
N ARG C 102 15.72 1.80 3.57
CA ARG C 102 16.53 1.14 4.59
C ARG C 102 16.15 1.69 5.99
N PRO C 103 15.24 0.99 6.69
CA PRO C 103 14.75 1.38 8.04
C PRO C 103 15.84 1.50 9.11
N GLN C 104 16.96 0.80 8.93
CA GLN C 104 18.06 0.83 9.94
C GLN C 104 18.76 2.21 9.97
N SER C 105 18.53 3.02 8.94
CA SER C 105 19.02 4.38 8.87
C SER C 105 18.53 5.23 10.04
N GLY C 106 17.39 4.83 10.62
CA GLY C 106 16.68 5.63 11.62
C GLY C 106 15.64 6.57 11.02
N ARG C 107 15.64 6.67 9.68
CA ARG C 107 14.75 7.57 8.92
C ARG C 107 13.36 6.98 8.82
N VAL C 108 12.36 7.86 8.68
CA VAL C 108 10.99 7.49 8.40
C VAL C 108 10.71 7.93 6.96
N LEU C 109 10.24 7.01 6.12
CA LEU C 109 10.08 7.33 4.70
C LEU C 109 8.87 8.21 4.41
N SER C 110 9.12 9.25 3.61
CA SER C 110 8.06 10.11 3.09
C SER C 110 6.72 9.39 2.86
N ALA C 111 5.64 9.92 3.44
CA ALA C 111 4.32 9.36 3.23
C ALA C 111 3.86 9.50 1.77
N MET C 112 4.37 10.51 1.08
CA MET C 112 4.06 10.66 -0.35
C MET C 112 4.70 9.55 -1.18
N ILE C 113 5.81 9.01 -0.69
CA ILE C 113 6.48 7.89 -1.37
C ILE C 113 5.93 6.52 -0.96
N ARG C 114 5.97 6.20 0.33
CA ARG C 114 5.35 4.93 0.73
C ARG C 114 3.86 4.88 0.43
N GLY C 115 3.19 6.03 0.52
CA GLY C 115 1.78 6.15 0.17
C GLY C 115 1.47 5.97 -1.31
N ALA C 116 2.48 6.13 -2.16
CA ALA C 116 2.28 5.99 -3.61
C ALA C 116 2.19 4.53 -4.05
N ALA C 117 2.47 3.61 -3.13
CA ALA C 117 2.48 2.17 -3.43
C ALA C 117 1.13 1.69 -3.98
N ASP C 118 1.20 0.96 -5.09
CA ASP C 118 0.04 0.71 -5.93
C ASP C 118 0.24 -0.55 -6.76
N GLY C 119 -0.07 -1.70 -6.15
CA GLY C 119 -0.04 -3.00 -6.83
C GLY C 119 1.31 -3.27 -7.46
N SER C 120 1.31 -3.48 -8.78
CA SER C 120 2.53 -3.68 -9.58
C SER C 120 3.17 -2.40 -10.14
N ARG C 121 2.40 -1.31 -10.16
CA ARG C 121 2.81 0.01 -10.70
C ARG C 121 3.93 0.69 -9.92
N PHE C 122 3.84 0.59 -8.60
CA PHE C 122 4.70 1.32 -7.70
C PHE C 122 4.88 0.50 -6.43
N GLN C 123 6.10 -0.01 -6.23
CA GLN C 123 6.41 -0.83 -5.06
C GLN C 123 7.52 -0.22 -4.25
N VAL C 124 7.35 -0.27 -2.93
CA VAL C 124 8.33 0.26 -1.98
C VAL C 124 8.77 -0.90 -1.08
N TRP C 125 10.02 -1.33 -1.23
CA TRP C 125 10.57 -2.43 -0.44
C TRP C 125 11.56 -1.91 0.59
N ASP C 126 11.26 -2.17 1.87
CA ASP C 126 12.23 -2.02 2.95
C ASP C 126 13.31 -3.09 2.75
N TYR C 127 14.57 -2.73 2.96
CA TYR C 127 15.66 -3.70 2.87
C TYR C 127 16.69 -3.51 3.97
N ALA C 128 17.41 -4.60 4.27
CA ALA C 128 18.67 -4.59 5.00
C ALA C 128 19.79 -4.54 3.97
N GLU C 129 20.80 -3.71 4.23
CA GLU C 129 21.86 -3.41 3.25
C GLU C 129 22.59 -4.65 2.69
N GLY C 130 22.69 -5.69 3.51
CA GLY C 130 23.40 -6.92 3.15
C GLY C 130 22.77 -7.69 2.00
N GLU C 131 21.47 -7.50 1.78
CA GLU C 131 20.74 -8.28 0.80
C GLU C 131 20.09 -7.43 -0.28
N VAL C 132 20.64 -6.26 -0.58
CA VAL C 132 20.03 -5.40 -1.62
C VAL C 132 20.14 -6.02 -3.03
N GLU C 133 21.19 -6.80 -3.26
CA GLU C 133 21.39 -7.51 -4.52
C GLU C 133 20.39 -8.63 -4.76
N THR C 134 20.14 -9.44 -3.73
CA THR C 134 19.15 -10.52 -3.82
C THR C 134 17.70 -10.01 -3.87
N MET C 135 17.42 -8.89 -3.20
CA MET C 135 16.12 -8.20 -3.32
C MET C 135 15.85 -7.69 -4.74
N LEU C 136 16.86 -7.07 -5.37
CA LEU C 136 16.78 -6.68 -6.78
C LEU C 136 16.55 -7.90 -7.69
N ASP C 137 17.32 -8.97 -7.45
CA ASP C 137 17.14 -10.23 -8.14
C ASP C 137 15.68 -10.67 -8.03
N ARG C 138 15.16 -10.72 -6.80
CA ARG C 138 13.77 -11.10 -6.52
C ARG C 138 12.77 -10.28 -7.35
N TYR C 139 12.98 -8.96 -7.39
CA TYR C 139 12.07 -8.06 -8.09
C TYR C 139 11.93 -8.36 -9.57
N PHE C 140 13.07 -8.50 -10.26
CA PHE C 140 13.07 -8.80 -11.68
C PHE C 140 12.62 -10.21 -11.99
N GLU C 141 12.90 -11.13 -11.09
CA GLU C 141 12.48 -12.51 -11.23
C GLU C 141 10.95 -12.71 -11.12
N ALA C 142 10.33 -12.05 -10.14
CA ALA C 142 8.94 -12.38 -9.77
C ALA C 142 7.95 -11.21 -9.59
N TYR C 143 8.45 -9.98 -9.49
CA TYR C 143 7.59 -8.87 -9.13
C TYR C 143 7.48 -7.75 -10.17
N LEU C 144 7.95 -8.02 -11.38
CA LEU C 144 7.87 -7.04 -12.46
C LEU C 144 6.96 -7.52 -13.60
N ARG D 3 -10.28 30.73 -4.57
CA ARG D 3 -9.03 30.12 -5.09
C ARG D 3 -8.45 29.11 -4.09
N SER D 4 -7.93 28.00 -4.60
CA SER D 4 -7.31 27.00 -3.75
C SER D 4 -5.81 26.87 -4.03
N VAL D 5 -5.02 26.79 -2.95
CA VAL D 5 -3.57 26.77 -3.04
C VAL D 5 -3.01 25.51 -2.40
N TYR D 6 -2.09 24.86 -3.10
CA TYR D 6 -1.39 23.69 -2.59
C TYR D 6 0.00 24.13 -2.15
N PHE D 7 0.28 24.02 -0.86
CA PHE D 7 1.61 24.36 -0.35
C PHE D 7 2.43 23.13 -0.02
N CYS D 8 3.66 23.08 -0.54
CA CYS D 8 4.58 21.97 -0.31
C CYS D 8 5.72 22.43 0.61
N GLY D 9 5.97 21.66 1.65
CA GLY D 9 7.10 21.93 2.54
C GLY D 9 7.51 20.65 3.23
N SER D 10 8.81 20.53 3.50
CA SER D 10 9.38 19.30 4.05
C SER D 10 8.77 18.94 5.41
N ILE D 11 8.53 17.64 5.62
CA ILE D 11 8.08 17.14 6.92
C ILE D 11 9.05 16.05 7.39
N ARG D 12 9.03 14.89 6.72
CA ARG D 12 9.93 13.79 7.06
C ARG D 12 11.34 14.01 6.51
N GLY D 13 11.49 14.89 5.54
CA GLY D 13 12.81 15.40 5.13
C GLY D 13 13.42 16.35 6.15
N GLY D 14 12.65 16.74 7.17
CA GLY D 14 13.15 17.62 8.23
C GLY D 14 12.29 18.84 8.49
N ARG D 15 12.15 19.20 9.77
CA ARG D 15 11.29 20.31 10.19
C ARG D 15 12.06 21.59 10.47
N GLU D 16 13.26 21.70 9.91
CA GLU D 16 14.13 22.88 10.08
C GLU D 16 13.41 24.20 9.82
N ASP D 17 12.64 24.25 8.75
CA ASP D 17 11.95 25.47 8.35
C ASP D 17 10.46 25.50 8.72
N GLN D 18 10.08 24.83 9.81
CA GLN D 18 8.64 24.72 10.14
C GLN D 18 7.99 26.08 10.43
N ALA D 19 8.66 26.92 11.21
CA ALA D 19 8.16 28.25 11.58
C ALA D 19 8.02 29.10 10.32
N LEU D 20 8.97 28.93 9.42
CA LEU D 20 8.95 29.54 8.09
C LEU D 20 7.76 29.07 7.26
N TYR D 21 7.45 27.78 7.29
CA TYR D 21 6.26 27.25 6.60
C TYR D 21 4.96 27.86 7.18
N ALA D 22 4.95 28.12 8.48
CA ALA D 22 3.80 28.76 9.12
C ALA D 22 3.60 30.20 8.65
N ARG D 23 4.70 30.94 8.48
CA ARG D 23 4.67 32.29 7.92
C ARG D 23 4.11 32.26 6.49
N ILE D 24 4.60 31.32 5.68
CA ILE D 24 4.13 31.16 4.30
C ILE D 24 2.63 30.85 4.22
N VAL D 25 2.18 29.87 5.02
CA VAL D 25 0.77 29.47 5.03
C VAL D 25 -0.15 30.65 5.40
N SER D 26 0.22 31.40 6.44
CA SER D 26 -0.54 32.59 6.88
C SER D 26 -0.70 33.62 5.78
N ARG D 27 0.39 33.86 5.04
CA ARG D 27 0.39 34.82 3.94
C ARG D 27 -0.41 34.30 2.76
N LEU D 28 -0.33 32.99 2.51
CA LEU D 28 -1.05 32.35 1.42
C LEU D 28 -2.56 32.41 1.63
N ARG D 29 -3.00 32.30 2.88
CA ARG D 29 -4.42 32.37 3.24
C ARG D 29 -5.16 33.60 2.72
N ARG D 30 -4.42 34.68 2.48
CA ARG D 30 -5.03 35.93 2.00
C ARG D 30 -5.44 35.87 0.53
N TYR D 31 -4.92 34.87 -0.19
CA TYR D 31 -5.14 34.73 -1.63
C TYR D 31 -5.94 33.48 -2.01
N GLY D 32 -6.43 32.77 -0.99
CA GLY D 32 -7.22 31.56 -1.18
C GLY D 32 -7.11 30.64 0.01
N LYS D 33 -7.70 29.45 -0.07
CA LYS D 33 -7.59 28.48 1.02
C LYS D 33 -6.42 27.55 0.79
N VAL D 34 -5.62 27.33 1.83
CA VAL D 34 -4.45 26.48 1.72
C VAL D 34 -4.86 25.04 2.03
N LEU D 35 -4.91 24.22 0.97
CA LEU D 35 -5.29 22.81 1.05
C LEU D 35 -4.44 22.01 2.03
N THR D 36 -3.14 22.33 2.09
CA THR D 36 -2.16 21.56 2.85
C THR D 36 -1.62 22.29 4.08
N GLU D 37 -2.55 22.85 4.87
CA GLU D 37 -2.25 23.58 6.10
C GLU D 37 -1.31 22.85 7.05
N HIS D 38 -1.46 21.53 7.13
CA HIS D 38 -0.69 20.67 8.04
C HIS D 38 0.83 20.81 7.93
N VAL D 39 1.32 21.25 6.77
CA VAL D 39 2.75 21.42 6.58
C VAL D 39 3.32 22.37 7.63
N ALA D 40 2.69 23.53 7.77
CA ALA D 40 3.00 24.47 8.84
C ALA D 40 2.85 23.83 10.21
N ASP D 41 1.71 23.15 10.40
CA ASP D 41 1.30 22.59 11.69
C ASP D 41 2.27 21.54 12.22
N ALA D 52 4.35 3.30 9.44
CA ALA D 52 2.99 3.58 9.83
C ALA D 52 2.01 2.56 9.23
N GLY D 53 1.40 2.97 8.12
CA GLY D 53 0.30 2.26 7.45
C GLY D 53 -0.74 3.27 6.95
N GLY D 54 -0.67 4.48 7.50
CA GLY D 54 -1.61 5.55 7.13
C GLY D 54 -1.20 6.33 5.91
N ASP D 55 -0.01 6.04 5.39
CA ASP D 55 0.60 6.83 4.32
C ASP D 55 -0.19 6.80 3.01
N GLN D 56 -0.80 5.65 2.74
CA GLN D 56 -1.71 5.48 1.60
C GLN D 56 -2.84 6.50 1.59
N PHE D 57 -3.45 6.70 2.77
CA PHE D 57 -4.53 7.67 2.93
C PHE D 57 -4.01 9.06 2.60
N ILE D 58 -2.89 9.45 3.22
CA ILE D 58 -2.25 10.74 2.97
C ILE D 58 -1.97 10.97 1.49
N HIS D 59 -1.35 10.00 0.81
CA HIS D 59 -1.04 10.17 -0.62
C HIS D 59 -2.28 10.37 -1.51
N GLU D 60 -3.38 9.69 -1.17
CA GLU D 60 -4.66 9.83 -1.86
C GLU D 60 -5.27 11.21 -1.60
N GLN D 61 -5.31 11.58 -0.33
CA GLN D 61 -5.79 12.90 0.11
C GLN D 61 -5.05 14.03 -0.62
N ASN D 62 -3.72 13.98 -0.57
CA ASN D 62 -2.91 15.05 -1.16
C ASN D 62 -2.97 15.12 -2.67
N LEU D 63 -2.98 13.96 -3.33
CA LEU D 63 -3.23 13.90 -4.78
C LEU D 63 -4.56 14.53 -5.15
N ASN D 64 -5.59 14.26 -4.35
CA ASN D 64 -6.90 14.87 -4.59
C ASN D 64 -6.83 16.40 -4.48
N TRP D 65 -6.07 16.90 -3.50
CA TRP D 65 -5.93 18.34 -3.28
C TRP D 65 -5.08 18.95 -4.39
N LEU D 66 -4.05 18.20 -4.80
CA LEU D 66 -3.20 18.61 -5.92
C LEU D 66 -4.03 18.71 -7.20
N GLN D 67 -4.96 17.79 -7.40
CA GLN D 67 -5.83 17.80 -8.59
C GLN D 67 -6.77 19.00 -8.61
N GLN D 68 -7.19 19.44 -7.42
CA GLN D 68 -8.14 20.55 -7.26
C GLN D 68 -7.48 21.91 -7.31
N ALA D 69 -6.21 21.96 -6.96
CA ALA D 69 -5.49 23.22 -6.75
C ALA D 69 -5.42 24.11 -7.99
N ASP D 70 -5.48 25.41 -7.77
CA ASP D 70 -5.37 26.40 -8.84
C ASP D 70 -3.90 26.79 -9.06
N VAL D 71 -3.13 26.75 -7.97
CA VAL D 71 -1.70 27.02 -7.99
C VAL D 71 -0.98 26.20 -6.89
N VAL D 72 0.28 25.87 -7.14
CA VAL D 72 1.11 25.11 -6.21
C VAL D 72 2.30 25.97 -5.78
N VAL D 73 2.51 26.12 -4.48
CA VAL D 73 3.67 26.84 -3.93
C VAL D 73 4.56 25.85 -3.14
N ALA D 74 5.86 25.86 -3.38
CA ALA D 74 6.78 24.97 -2.65
C ALA D 74 8.02 25.69 -2.15
N GLU D 75 8.29 25.55 -0.86
CA GLU D 75 9.55 26.03 -0.32
C GLU D 75 10.51 24.86 -0.44
N VAL D 76 11.49 25.00 -1.33
CA VAL D 76 12.34 23.89 -1.72
C VAL D 76 13.74 23.98 -1.11
N THR D 77 13.86 24.69 -0.01
CA THR D 77 15.17 24.85 0.63
C THR D 77 15.59 23.51 1.26
N GLN D 78 14.70 22.93 2.07
CA GLN D 78 14.95 21.65 2.75
C GLN D 78 14.67 20.48 1.80
N PRO D 79 15.69 19.64 1.49
CA PRO D 79 15.45 18.48 0.63
C PRO D 79 14.38 17.55 1.20
N SER D 80 13.45 17.16 0.34
CA SER D 80 12.29 16.38 0.71
C SER D 80 11.81 15.56 -0.46
N LEU D 81 11.74 14.25 -0.25
CA LEU D 81 11.18 13.35 -1.26
C LEU D 81 9.73 13.71 -1.66
N GLY D 82 8.92 14.13 -0.68
CA GLY D 82 7.52 14.42 -0.90
C GLY D 82 7.29 15.71 -1.67
N VAL D 83 7.97 16.77 -1.25
CA VAL D 83 8.00 18.04 -1.99
C VAL D 83 8.36 17.81 -3.46
N GLY D 84 9.45 17.08 -3.69
CA GLY D 84 9.91 16.74 -5.04
C GLY D 84 8.91 15.90 -5.80
N TYR D 85 8.29 14.94 -5.10
CA TYR D 85 7.25 14.11 -5.70
C TYR D 85 6.02 14.96 -6.04
N GLU D 86 5.63 15.84 -5.12
CA GLU D 86 4.49 16.74 -5.36
C GLU D 86 4.76 17.64 -6.56
N LEU D 87 5.99 18.13 -6.67
CA LEU D 87 6.37 19.01 -7.77
C LEU D 87 6.34 18.28 -9.12
N GLY D 88 6.81 17.04 -9.13
CA GLY D 88 6.75 16.18 -10.33
C GLY D 88 5.34 15.89 -10.83
N ARG D 89 4.43 15.56 -9.91
CA ARG D 89 3.03 15.30 -10.28
C ARG D 89 2.34 16.59 -10.76
N ALA D 90 2.61 17.70 -10.09
CA ALA D 90 2.03 18.99 -10.45
C ALA D 90 2.37 19.39 -11.88
N VAL D 91 3.63 19.20 -12.29
CA VAL D 91 4.09 19.54 -13.66
C VAL D 91 3.30 18.70 -14.66
N ALA D 92 3.20 17.42 -14.35
CA ALA D 92 2.47 16.44 -15.13
C ALA D 92 0.98 16.75 -15.24
N LEU D 93 0.47 17.47 -14.24
CA LEU D 93 -0.94 17.85 -14.21
C LEU D 93 -1.22 19.22 -14.84
N GLY D 94 -0.17 19.89 -15.31
CA GLY D 94 -0.29 21.20 -15.95
C GLY D 94 -0.49 22.38 -15.00
N LYS D 95 -0.18 22.18 -13.73
CA LYS D 95 -0.39 23.22 -12.73
C LYS D 95 0.72 24.31 -12.77
N PRO D 96 0.35 25.58 -12.51
CA PRO D 96 1.39 26.59 -12.38
C PRO D 96 2.09 26.48 -11.02
N ILE D 97 3.41 26.63 -11.02
CA ILE D 97 4.25 26.30 -9.86
C ILE D 97 5.19 27.42 -9.47
N LEU D 98 5.19 27.73 -8.17
CA LEU D 98 6.18 28.61 -7.56
C LEU D 98 7.05 27.82 -6.60
N CYS D 99 8.36 27.87 -6.81
CA CYS D 99 9.34 27.32 -5.89
C CYS D 99 10.13 28.47 -5.27
N LEU D 100 10.18 28.50 -3.94
CA LEU D 100 10.94 29.51 -3.20
C LEU D 100 12.15 28.85 -2.55
N PHE D 101 13.32 29.45 -2.75
CA PHE D 101 14.59 28.88 -2.29
C PHE D 101 15.44 29.92 -1.56
N ARG D 102 16.07 29.47 -0.48
CA ARG D 102 16.91 30.32 0.37
C ARG D 102 18.40 29.97 0.14
N PRO D 103 19.09 30.73 -0.73
CA PRO D 103 20.49 30.41 -1.03
C PRO D 103 21.46 30.60 0.15
N GLN D 104 21.12 31.48 1.09
CA GLN D 104 21.97 31.70 2.27
C GLN D 104 21.99 30.50 3.24
N SER D 105 21.08 29.54 3.01
CA SER D 105 21.01 28.31 3.80
C SER D 105 22.28 27.46 3.70
N GLY D 106 23.02 27.66 2.61
CA GLY D 106 24.20 26.86 2.30
C GLY D 106 23.89 25.60 1.49
N ARG D 107 22.60 25.34 1.24
CA ARG D 107 22.19 24.21 0.40
C ARG D 107 22.41 24.56 -1.06
N VAL D 108 22.65 23.55 -1.89
CA VAL D 108 22.55 23.75 -3.33
C VAL D 108 21.21 23.14 -3.78
N LEU D 109 20.43 23.90 -4.55
CA LEU D 109 19.15 23.39 -4.99
C LEU D 109 19.33 22.34 -6.08
N SER D 110 18.57 21.25 -5.96
CA SER D 110 18.56 20.16 -6.92
C SER D 110 18.54 20.69 -8.36
N ALA D 111 19.43 20.16 -9.20
CA ALA D 111 19.41 20.48 -10.63
C ALA D 111 18.06 20.18 -11.28
N MET D 112 17.38 19.15 -10.77
CA MET D 112 16.08 18.73 -11.28
C MET D 112 15.00 19.76 -11.00
N ILE D 113 15.21 20.58 -9.97
CA ILE D 113 14.25 21.62 -9.63
C ILE D 113 14.57 22.92 -10.37
N ARG D 114 15.83 23.37 -10.30
CA ARG D 114 16.28 24.55 -11.05
C ARG D 114 16.05 24.36 -12.56
N GLY D 115 16.30 23.13 -13.04
CA GLY D 115 16.21 22.80 -14.46
C GLY D 115 14.80 22.60 -14.98
N ALA D 116 13.84 22.57 -14.08
CA ALA D 116 12.42 22.42 -14.42
C ALA D 116 11.74 23.76 -14.68
N ALA D 117 12.43 24.86 -14.40
CA ALA D 117 11.92 26.23 -14.60
C ALA D 117 11.47 26.48 -16.04
N ASP D 118 10.29 27.06 -16.19
CA ASP D 118 9.63 27.14 -17.49
C ASP D 118 8.82 28.41 -17.59
N GLY D 119 9.46 29.51 -17.98
CA GLY D 119 8.79 30.80 -18.08
C GLY D 119 7.91 31.04 -16.86
N SER D 120 6.67 31.45 -17.08
CA SER D 120 5.72 31.64 -15.97
C SER D 120 5.08 30.34 -15.46
N ARG D 121 5.31 29.23 -16.16
CA ARG D 121 4.71 27.92 -15.80
C ARG D 121 5.29 27.24 -14.57
N PHE D 122 6.61 27.32 -14.44
CA PHE D 122 7.33 26.71 -13.31
C PHE D 122 8.44 27.68 -13.01
N GLN D 123 8.30 28.40 -11.92
CA GLN D 123 9.27 29.42 -11.53
C GLN D 123 9.98 28.99 -10.28
N VAL D 124 11.29 29.26 -10.25
CA VAL D 124 12.11 29.09 -9.06
C VAL D 124 12.66 30.46 -8.64
N TRP D 125 12.26 30.92 -7.46
CA TRP D 125 12.65 32.22 -6.93
C TRP D 125 13.62 32.09 -5.75
N ASP D 126 14.83 32.61 -5.93
CA ASP D 126 15.78 32.79 -4.84
C ASP D 126 15.37 34.00 -4.01
N TYR D 127 15.29 33.82 -2.69
CA TYR D 127 14.90 34.89 -1.79
C TYR D 127 15.77 34.95 -0.54
N ALA D 128 15.73 36.08 0.16
CA ALA D 128 16.53 36.30 1.37
C ALA D 128 15.67 36.27 2.62
N GLU D 129 16.31 36.09 3.78
CA GLU D 129 15.61 35.99 5.07
C GLU D 129 14.67 37.17 5.35
N GLY D 130 13.57 36.86 6.05
CA GLY D 130 12.57 37.85 6.45
C GLY D 130 11.88 38.55 5.29
N GLU D 131 12.03 38.01 4.08
CA GLU D 131 11.48 38.66 2.89
C GLU D 131 10.59 37.72 2.06
N VAL D 132 10.19 36.59 2.65
CA VAL D 132 9.35 35.62 1.94
C VAL D 132 7.90 36.12 1.72
N GLU D 133 7.40 36.93 2.64
CA GLU D 133 6.05 37.51 2.54
C GLU D 133 5.88 38.40 1.32
N THR D 134 6.82 39.34 1.13
CA THR D 134 6.77 40.25 -0.02
C THR D 134 6.99 39.53 -1.34
N MET D 135 7.80 38.47 -1.33
CA MET D 135 8.01 37.63 -2.50
C MET D 135 6.71 36.92 -2.89
N LEU D 136 6.02 36.34 -1.90
CA LEU D 136 4.67 35.78 -2.10
C LEU D 136 3.71 36.83 -2.64
N ASP D 137 3.74 38.01 -2.03
CA ASP D 137 2.98 39.17 -2.49
C ASP D 137 3.29 39.51 -3.95
N ARG D 138 4.57 39.53 -4.29
CA ARG D 138 5.02 39.90 -5.63
C ARG D 138 4.59 38.90 -6.71
N TYR D 139 4.60 37.61 -6.38
CA TYR D 139 4.16 36.58 -7.32
C TYR D 139 2.66 36.66 -7.62
N PHE D 140 1.85 36.77 -6.57
CA PHE D 140 0.40 36.76 -6.69
C PHE D 140 -0.15 37.99 -7.42
N GLU D 141 0.47 39.14 -7.19
CA GLU D 141 0.10 40.35 -7.91
C GLU D 141 0.31 40.14 -9.41
N ALA D 142 1.48 39.63 -9.77
CA ALA D 142 1.88 39.47 -11.16
C ALA D 142 1.08 38.39 -11.88
N TYR D 143 0.91 37.24 -11.24
CA TYR D 143 0.31 36.08 -11.89
C TYR D 143 -0.88 35.54 -11.12
C66 6K6 E . 5.54 -13.55 -5.27
C65 6K6 E . 5.27 -12.61 -6.18
C64 6K6 E . 4.23 -13.00 -6.92
O63 6K6 E . 3.84 -14.24 -6.46
C62 6K6 E . 4.68 -14.54 -5.43
C61 6K6 E . 4.55 -15.84 -4.63
N6 6K6 E . 3.51 -15.60 -3.62
C6 6K6 E . 2.25 -15.99 -3.79
N1 6K6 E . 1.84 -16.50 -4.97
C2 6K6 E . 0.59 -16.89 -5.16
N3 6K6 E . -0.30 -16.81 -4.19
C4 6K6 E . 0.04 -16.31 -2.99
C5 6K6 E . 1.35 -15.89 -2.75
N7 6K6 E . 1.41 -15.44 -1.50
C8 6K6 E . 0.19 -15.58 -0.96
N9 6K6 E . -0.64 -16.11 -1.86
C1' 6K6 E . -2.09 -16.44 -1.66
O4' 6K6 E . -2.43 -16.19 -0.26
C2' 6K6 E . -2.49 -17.90 -1.96
O2' 6K6 E . -3.54 -17.94 -2.92
C3' 6K6 E . -3.01 -18.44 -0.63
O3' 6K6 E . -4.21 -19.20 -0.83
C4' 6K6 E . -3.36 -17.18 0.14
C5' 6K6 E . -3.05 -17.63 1.54
O5' 6K6 E . -2.96 -16.59 2.52
PA 6K6 E . -1.85 -17.03 3.65
O2 6K6 E . -0.60 -16.09 3.81
O3 6K6 E . -2.39 -17.94 4.90
O1 6K6 E . -2.48 -15.99 4.49
C66 6K6 F . -18.75 -19.88 18.74
C65 6K6 F . -17.64 -20.49 18.34
C64 6K6 F . -17.30 -20.04 17.13
O63 6K6 F . -18.22 -19.11 16.75
C62 6K6 F . -19.11 -19.03 17.78
C61 6K6 F . -20.31 -18.09 17.74
N6 6K6 F . -20.53 -17.75 16.32
C6 6K6 F . -20.29 -16.53 15.87
N1 6K6 F . -21.08 -15.49 16.21
C2 6K6 F . -20.85 -14.26 15.75
N3 6K6 F . -19.83 -14.02 14.93
C4 6K6 F . -19.01 -15.01 14.54
C5 6K6 F . -19.22 -16.29 15.01
N7 6K6 F . -18.28 -17.07 14.49
C8 6K6 F . -17.50 -16.31 13.72
N9 6K6 F . -17.93 -15.05 13.76
C1' 6K6 F . -17.33 -13.86 13.04
O4' 6K6 F . -16.23 -14.20 12.17
C2' 6K6 F . -16.82 -12.79 14.00
O2' 6K6 F . -17.31 -11.51 13.58
C3' 6K6 F . -15.29 -12.82 13.89
O3' 6K6 F . -14.78 -11.57 13.39
C4' 6K6 F . -14.98 -13.92 12.87
C5' 6K6 F . -14.47 -15.15 13.61
O5' 6K6 F . -13.59 -15.84 12.80
PA 6K6 F . -13.65 -17.46 12.75
O2 6K6 F . -12.75 -18.12 11.76
O3 6K6 F . -13.95 -18.31 14.10
O1 6K6 F . -12.39 -17.19 13.50
C66 6K6 G . 26.99 17.16 -11.71
C65 6K6 G . 28.08 17.93 -11.71
C64 6K6 G . 27.84 19.00 -10.94
O63 6K6 G . 26.57 18.90 -10.46
C62 6K6 G . 26.07 17.74 -10.95
C61 6K6 G . 24.65 17.24 -10.64
N6 6K6 G . 23.91 17.06 -11.90
C6 6K6 G . 23.18 15.97 -12.14
N1 6K6 G . 23.54 15.09 -13.10
C2 6K6 G . 22.82 14.00 -13.34
N3 6K6 G . 21.70 13.74 -12.67
C4 6K6 G . 21.28 14.59 -11.71
C5 6K6 G . 22.02 15.73 -11.43
N7 6K6 G . 21.41 16.39 -10.46
C8 6K6 G . 20.32 15.69 -10.13
N9 6K6 G . 20.23 14.59 -10.89
C1' 6K6 G . 19.14 13.55 -10.84
O4' 6K6 G . 18.22 13.81 -9.76
C2' 6K6 G . 19.66 12.12 -10.64
O2' 6K6 G . 19.11 11.27 -11.65
C3' 6K6 G . 19.24 11.69 -9.22
O3' 6K6 G . 18.35 10.55 -9.21
C4' 6K6 G . 18.51 12.90 -8.66
C5' 6K6 G . 19.41 13.57 -7.61
O5' 6K6 G . 18.61 14.41 -6.81
PA 6K6 G . 19.04 15.94 -6.45
O2 6K6 G . 18.16 16.71 -5.30
O3 6K6 G . 19.49 15.26 -5.22
O1 6K6 G . 20.67 16.28 -6.53
C66 6K6 H . -3.39 13.11 8.75
C65 6K6 H . -4.33 12.55 8.00
C64 6K6 H . -4.21 12.98 6.75
O63 6K6 H . -3.16 13.84 6.70
C62 6K6 H . -2.68 13.90 7.98
C61 6K6 H . -1.47 14.77 8.35
N6 6K6 H . -0.34 14.47 7.44
C6 6K6 H . -0.19 15.21 6.33
N1 6K6 H . -1.10 16.15 6.01
C2 6K6 H . -0.95 16.88 4.92
N3 6K6 H . 0.10 16.71 4.12
C4 6K6 H . 1.05 15.80 4.39
C5 6K6 H . 0.92 15.02 5.51
N7 6K6 H . 1.98 14.21 5.56
C8 6K6 H . 2.75 14.47 4.49
N9 6K6 H . 2.20 15.46 3.77
C1' 6K6 H . 2.75 16.04 2.47
O4' 6K6 H . 4.15 15.60 2.18
C2' 6K6 H . 2.77 17.58 2.50
O2' 6K6 H . 1.99 18.13 1.41
C3' 6K6 H . 4.27 17.97 2.46
O3' 6K6 H . 4.53 19.05 1.58
C4' 6K6 H . 4.98 16.73 1.92
C5' 6K6 H . 6.26 16.60 2.72
O5' 6K6 H . 6.79 15.28 2.53
PA 6K6 H . 8.36 14.97 2.87
O2 6K6 H . 9.07 15.83 4.07
O3 6K6 H . 8.84 13.47 2.56
O1 6K6 H . 7.75 14.33 4.06
#